data_6FGR
# 
_entry.id   6FGR 
# 
_audit_conform.dict_name       mmcif_pdbx.dic 
_audit_conform.dict_version    5.391 
_audit_conform.dict_location   http://mmcif.pdb.org/dictionaries/ascii/mmcif_pdbx.dic 
# 
loop_
_database_2.database_id 
_database_2.database_code 
_database_2.pdbx_database_accession 
_database_2.pdbx_DOI 
PDB   6FGR         pdb_00006fgr 10.2210/pdb6fgr/pdb 
WWPDB D_1200008296 ?            ?                   
# 
loop_
_pdbx_audit_revision_history.ordinal 
_pdbx_audit_revision_history.data_content_type 
_pdbx_audit_revision_history.major_revision 
_pdbx_audit_revision_history.minor_revision 
_pdbx_audit_revision_history.revision_date 
1 'Structure model' 1 0 2018-08-08 
2 'Structure model' 1 1 2018-09-12 
3 'Structure model' 1 2 2019-12-25 
4 'Structure model' 1 3 2022-03-30 
5 'Structure model' 1 4 2024-05-01 
# 
_pdbx_audit_revision_details.ordinal             1 
_pdbx_audit_revision_details.revision_ordinal    1 
_pdbx_audit_revision_details.data_content_type   'Structure model' 
_pdbx_audit_revision_details.provider            repository 
_pdbx_audit_revision_details.type                'Initial release' 
_pdbx_audit_revision_details.description         ? 
_pdbx_audit_revision_details.details             ? 
# 
loop_
_pdbx_audit_revision_group.ordinal 
_pdbx_audit_revision_group.revision_ordinal 
_pdbx_audit_revision_group.data_content_type 
_pdbx_audit_revision_group.group 
1 2 'Structure model' 'Data collection'            
2 2 'Structure model' 'Database references'        
3 3 'Structure model' 'Data collection'            
4 4 'Structure model' 'Author supporting evidence' 
5 4 'Structure model' 'Database references'        
6 5 'Structure model' 'Data collection'            
7 5 'Structure model' 'Refinement description'     
# 
loop_
_pdbx_audit_revision_category.ordinal 
_pdbx_audit_revision_category.revision_ordinal 
_pdbx_audit_revision_category.data_content_type 
_pdbx_audit_revision_category.category 
1 2 'Structure model' citation                      
2 2 'Structure model' citation_author               
3 3 'Structure model' reflns_shell                  
4 4 'Structure model' database_2                    
5 4 'Structure model' pdbx_audit_support            
6 5 'Structure model' chem_comp_atom                
7 5 'Structure model' chem_comp_bond                
8 5 'Structure model' pdbx_initial_refinement_model 
# 
loop_
_pdbx_audit_revision_item.ordinal 
_pdbx_audit_revision_item.revision_ordinal 
_pdbx_audit_revision_item.data_content_type 
_pdbx_audit_revision_item.item 
1  2 'Structure model' '_citation.journal_volume'                 
2  2 'Structure model' '_citation.page_first'                     
3  2 'Structure model' '_citation.page_last'                      
4  2 'Structure model' '_citation.pdbx_database_id_DOI'           
5  2 'Structure model' '_citation.pdbx_database_id_PubMed'        
6  2 'Structure model' '_citation.title'                          
7  2 'Structure model' '_citation_author.identifier_ORCID'        
8  3 'Structure model' '_reflns_shell.percent_possible_all'       
9  4 'Structure model' '_database_2.pdbx_DOI'                     
10 4 'Structure model' '_database_2.pdbx_database_accession'      
11 4 'Structure model' '_pdbx_audit_support.funding_organization' 
# 
_pdbx_database_status.status_code                     REL 
_pdbx_database_status.status_code_sf                  REL 
_pdbx_database_status.status_code_mr                  ? 
_pdbx_database_status.entry_id                        6FGR 
_pdbx_database_status.recvd_initial_deposition_date   2018-01-11 
_pdbx_database_status.SG_entry                        N 
_pdbx_database_status.deposit_site                    PDBE 
_pdbx_database_status.process_site                    PDBE 
_pdbx_database_status.status_code_cs                  ? 
_pdbx_database_status.methods_development_category    ? 
_pdbx_database_status.pdb_format_compatible           Y 
_pdbx_database_status.status_code_nmr_data            ? 
# 
_pdbx_database_related.db_name        PDB 
_pdbx_database_related.details        'IIKVIK from PSMalpha1' 
_pdbx_database_related.db_id          6FG4 
_pdbx_database_related.content_type   unspecified 
# 
loop_
_audit_author.name 
_audit_author.pdbx_ordinal 
_audit_author.identifier_ORCID 
'Landau, M.'       1 0000-0002-1743-3430 
'Colletier, J.-P.' 2 ?                   
# 
_citation.abstract                  ? 
_citation.abstract_id_CAS           ? 
_citation.book_id_ISBN              ? 
_citation.book_publisher            ? 
_citation.book_publisher_city       ? 
_citation.book_title                ? 
_citation.coordinate_linkage        ? 
_citation.country                   UK 
_citation.database_id_Medline       ? 
_citation.details                   ? 
_citation.id                        primary 
_citation.journal_abbrev            'Nat Commun' 
_citation.journal_id_ASTM           ? 
_citation.journal_id_CSD            ? 
_citation.journal_id_ISSN           2041-1723 
_citation.journal_full              ? 
_citation.journal_issue             ? 
_citation.journal_volume            9 
_citation.language                  ? 
_citation.page_first                3512 
_citation.page_last                 3512 
_citation.title                     'Extreme amyloid polymorphism in Staphylococcus aureus virulent PSM alpha peptides.' 
_citation.year                      2018 
_citation.database_id_CSD           ? 
_citation.pdbx_database_id_DOI      10.1038/s41467-018-05490-0 
_citation.pdbx_database_id_PubMed   30158633 
_citation.unpublished_flag          ? 
# 
loop_
_citation_author.citation_id 
_citation_author.name 
_citation_author.ordinal 
_citation_author.identifier_ORCID 
primary 'Salinas, N.'     1 0000-0002-3511-2243 
primary 'Colletier, J.P.' 2 ?                   
primary 'Moshe, A.'       3 ?                   
primary 'Landau, M.'      4 0000-0002-1743-3430 
# 
loop_
_entity.id 
_entity.type 
_entity.src_method 
_entity.pdbx_description 
_entity.formula_weight 
_entity.pdbx_number_of_molecules 
_entity.pdbx_ec 
_entity.pdbx_mutation 
_entity.pdbx_fragment 
_entity.details 
1 polymer     syn 'Psm alpha-4'  729.006 2 ? ? 'Amyloid spine segment IIKIIK from PSMalpha4 (residues 7-12) secreted by S. aureus' 
? 
2 non-polymer syn 1,2-ETHANEDIOL 62.068  1 ? ? ?                                                                                   
? 
3 non-polymer syn 'SULFATE ION'  96.063  2 ? ? ?                                                                                   
? 
4 water       nat water          18.015  3 ? ? ?                                                                                   
? 
# 
_entity_poly.entity_id                      1 
_entity_poly.type                           'polypeptide(L)' 
_entity_poly.nstd_linkage                   no 
_entity_poly.nstd_monomer                   no 
_entity_poly.pdbx_seq_one_letter_code       IIKIIK 
_entity_poly.pdbx_seq_one_letter_code_can   IIKIIK 
_entity_poly.pdbx_strand_id                 B,A 
_entity_poly.pdbx_target_identifier         ? 
# 
loop_
_pdbx_entity_nonpoly.entity_id 
_pdbx_entity_nonpoly.name 
_pdbx_entity_nonpoly.comp_id 
2 1,2-ETHANEDIOL EDO 
3 'SULFATE ION'  SO4 
4 water          HOH 
# 
loop_
_entity_poly_seq.entity_id 
_entity_poly_seq.num 
_entity_poly_seq.mon_id 
_entity_poly_seq.hetero 
1 1 ILE n 
1 2 ILE n 
1 3 LYS n 
1 4 ILE n 
1 5 ILE n 
1 6 LYS n 
# 
_pdbx_entity_src_syn.entity_id              1 
_pdbx_entity_src_syn.pdbx_src_id            1 
_pdbx_entity_src_syn.pdbx_alt_source_flag   sample 
_pdbx_entity_src_syn.pdbx_beg_seq_num       1 
_pdbx_entity_src_syn.pdbx_end_seq_num       6 
_pdbx_entity_src_syn.organism_scientific    'Staphylococcus aureus' 
_pdbx_entity_src_syn.organism_common_name   ? 
_pdbx_entity_src_syn.ncbi_taxonomy_id       1280 
_pdbx_entity_src_syn.details                'IIKIIK from PSMalpha4, synthesized' 
# 
loop_
_chem_comp.id 
_chem_comp.type 
_chem_comp.mon_nstd_flag 
_chem_comp.name 
_chem_comp.pdbx_synonyms 
_chem_comp.formula 
_chem_comp.formula_weight 
EDO non-polymer         . 1,2-ETHANEDIOL 'ETHYLENE GLYCOL' 'C2 H6 O2'       62.068  
HOH non-polymer         . WATER          ?                 'H2 O'           18.015  
ILE 'L-peptide linking' y ISOLEUCINE     ?                 'C6 H13 N O2'    131.173 
LYS 'L-peptide linking' y LYSINE         ?                 'C6 H15 N2 O2 1' 147.195 
SO4 non-polymer         . 'SULFATE ION'  ?                 'O4 S -2'        96.063  
# 
loop_
_pdbx_poly_seq_scheme.asym_id 
_pdbx_poly_seq_scheme.entity_id 
_pdbx_poly_seq_scheme.seq_id 
_pdbx_poly_seq_scheme.mon_id 
_pdbx_poly_seq_scheme.ndb_seq_num 
_pdbx_poly_seq_scheme.pdb_seq_num 
_pdbx_poly_seq_scheme.auth_seq_num 
_pdbx_poly_seq_scheme.pdb_mon_id 
_pdbx_poly_seq_scheme.auth_mon_id 
_pdbx_poly_seq_scheme.pdb_strand_id 
_pdbx_poly_seq_scheme.pdb_ins_code 
_pdbx_poly_seq_scheme.hetero 
A 1 1 ILE 1 1 1 ILE ILE B . n 
A 1 2 ILE 2 2 2 ILE ILE B . n 
A 1 3 LYS 3 3 3 LYS LYS B . n 
A 1 4 ILE 4 4 4 ILE ILE B . n 
A 1 5 ILE 5 5 5 ILE ILE B . n 
A 1 6 LYS 6 6 6 LYS LYS B . n 
B 1 1 ILE 1 1 1 ILE ILE A . n 
B 1 2 ILE 2 2 2 ILE ILE A . n 
B 1 3 LYS 3 3 3 LYS LYS A . n 
B 1 4 ILE 4 4 4 ILE ILE A . n 
B 1 5 ILE 5 5 5 ILE ILE A . n 
B 1 6 LYS 6 6 6 LYS LYS A . n 
# 
loop_
_pdbx_nonpoly_scheme.asym_id 
_pdbx_nonpoly_scheme.entity_id 
_pdbx_nonpoly_scheme.mon_id 
_pdbx_nonpoly_scheme.ndb_seq_num 
_pdbx_nonpoly_scheme.pdb_seq_num 
_pdbx_nonpoly_scheme.auth_seq_num 
_pdbx_nonpoly_scheme.pdb_mon_id 
_pdbx_nonpoly_scheme.auth_mon_id 
_pdbx_nonpoly_scheme.pdb_strand_id 
_pdbx_nonpoly_scheme.pdb_ins_code 
C 2 EDO 1 101 2 EDO EDO B . 
D 3 SO4 1 102 1 SO4 SO4 B . 
E 3 SO4 1 103 2 SO4 SO4 B . 
F 4 HOH 1 201 5 HOH HOH B . 
G 4 HOH 1 101 3 HOH HOH A . 
G 4 HOH 2 102 4 HOH HOH A . 
# 
loop_
_software.citation_id 
_software.classification 
_software.compiler_name 
_software.compiler_version 
_software.contact_author 
_software.contact_author_email 
_software.date 
_software.description 
_software.dependencies 
_software.hardware 
_software.language 
_software.location 
_software.mods 
_software.name 
_software.os 
_software.os_version 
_software.type 
_software.version 
_software.pdbx_ordinal 
? refinement        ? ? ?                 ?                                       ?              ? ? ? ?   ? ? REFMAC      ? ? ? . 
1 
? 'data reduction'  ? ? 'Wolfgang Kabsch' Wolfgang.Kabsch@mpimf-heidelberg.mpg.de ?              ? ? ? ?   
http://www.mpimf-heidelberg.mpg.de/~kabsch/xds/                             ? XDS         ? ? package .    2 
? 'data scaling'    ? ? 'Wolfgang Kabsch' ?                                       ?              ? ? ? ?   
http://www.mpimf-heidelberg.mpg.de/~kabsch/xds/html_doc/xscale_program.html ? XSCALE      ? ? package .    3 
? phasing           ? ? 'Randy J. Read'   cimr-phaser@lists.cam.ac.uk             ?              ? ? ? ?   
http://www-structmed.cimr.cam.ac.uk/phaser/                                 ? PHASER      ? ? program .    4 
? 'data extraction' ? ? PDB               deposit@deposit.rcsb.org                'Sep. 1, 2017' ? ? ? C++ 
http://sw-tools.pdb.org/apps/PDB_EXTRACT/                                   ? PDB_EXTRACT ? ? package 3.24 5 
# 
_cell.length_a           4.830 
_cell.length_b           22.380 
_cell.length_c           23.060 
_cell.angle_alpha        107.000 
_cell.angle_beta         90.010 
_cell.angle_gamma        96.200 
_cell.entry_id           6FGR 
_cell.Z_PDB              2 
_cell.pdbx_unique_axis   ? 
# 
_symmetry.space_group_name_H-M             'P 1' 
_symmetry.entry_id                         6FGR 
_symmetry.Int_Tables_number                1 
_symmetry.pdbx_full_space_group_name_H-M   ? 
_symmetry.cell_setting                     ? 
# 
_exptl.absorpt_coefficient_mu     ? 
_exptl.absorpt_correction_T_max   ? 
_exptl.absorpt_correction_T_min   ? 
_exptl.absorpt_correction_type    ? 
_exptl.absorpt_process_details    ? 
_exptl.entry_id                   6FGR 
_exptl.crystals_number            1 
_exptl.details                    ? 
_exptl.method                     'X-RAY DIFFRACTION' 
_exptl.method_details             ? 
# 
_exptl_crystal.colour                      ? 
_exptl_crystal.density_diffrn              ? 
_exptl_crystal.density_Matthews            1.62 
_exptl_crystal.density_method              ? 
_exptl_crystal.density_percent_sol         24.28 
_exptl_crystal.description                 ? 
_exptl_crystal.F_000                       ? 
_exptl_crystal.id                          1 
_exptl_crystal.preparation                 ? 
_exptl_crystal.size_max                    ? 
_exptl_crystal.size_mid                    ? 
_exptl_crystal.size_min                    ? 
_exptl_crystal.size_rad                    ? 
_exptl_crystal.colour_lustre               ? 
_exptl_crystal.colour_modifier             ? 
_exptl_crystal.colour_primary              ? 
_exptl_crystal.density_meas                ? 
_exptl_crystal.density_meas_esd            ? 
_exptl_crystal.density_meas_gt             ? 
_exptl_crystal.density_meas_lt             ? 
_exptl_crystal.density_meas_temp           ? 
_exptl_crystal.density_meas_temp_esd       ? 
_exptl_crystal.density_meas_temp_gt        ? 
_exptl_crystal.density_meas_temp_lt        ? 
_exptl_crystal.pdbx_crystal_image_url      ? 
_exptl_crystal.pdbx_crystal_image_format   ? 
_exptl_crystal.pdbx_mosaicity              ? 
_exptl_crystal.pdbx_mosaicity_esd          ? 
# 
_exptl_crystal_grow.apparatus       ? 
_exptl_crystal_grow.atmosphere      ? 
_exptl_crystal_grow.crystal_id      1 
_exptl_crystal_grow.details         ? 
_exptl_crystal_grow.method          'VAPOR DIFFUSION, HANGING DROP' 
_exptl_crystal_grow.method_ref      ? 
_exptl_crystal_grow.pH              ? 
_exptl_crystal_grow.pressure        ? 
_exptl_crystal_grow.pressure_esd    ? 
_exptl_crystal_grow.seeding         ? 
_exptl_crystal_grow.seeding_ref     ? 
_exptl_crystal_grow.temp            293 
_exptl_crystal_grow.temp_details    ? 
_exptl_crystal_grow.temp_esd        ? 
_exptl_crystal_grow.time            ? 
_exptl_crystal_grow.pdbx_details    'Reservoir contained 0.2M Ammonium sulfate, 20% polyethylene glycol 3350' 
_exptl_crystal_grow.pdbx_pH_range   ? 
# 
_diffrn.ambient_environment    ? 
_diffrn.ambient_temp           100 
_diffrn.ambient_temp_details   ? 
_diffrn.ambient_temp_esd       ? 
_diffrn.crystal_id             1 
_diffrn.crystal_support        ? 
_diffrn.crystal_treatment      ? 
_diffrn.details                ? 
_diffrn.id                     1 
_diffrn.ambient_pressure       ? 
_diffrn.ambient_pressure_esd   ? 
_diffrn.ambient_pressure_gt    ? 
_diffrn.ambient_pressure_lt    ? 
_diffrn.ambient_temp_gt        ? 
_diffrn.ambient_temp_lt        ? 
# 
_diffrn_detector.details                      ? 
_diffrn_detector.detector                     PIXEL 
_diffrn_detector.diffrn_id                    1 
_diffrn_detector.type                         'DECTRIS PILATUS 2M' 
_diffrn_detector.area_resol_mean              ? 
_diffrn_detector.dtime                        ? 
_diffrn_detector.pdbx_frames_total            ? 
_diffrn_detector.pdbx_collection_time_total   ? 
_diffrn_detector.pdbx_collection_date         2014-10-08 
# 
_diffrn_radiation.collimation                      ? 
_diffrn_radiation.diffrn_id                        1 
_diffrn_radiation.filter_edge                      ? 
_diffrn_radiation.inhomogeneity                    ? 
_diffrn_radiation.monochromator                    ? 
_diffrn_radiation.polarisn_norm                    ? 
_diffrn_radiation.polarisn_ratio                   ? 
_diffrn_radiation.probe                            ? 
_diffrn_radiation.type                             ? 
_diffrn_radiation.xray_symbol                      ? 
_diffrn_radiation.wavelength_id                    1 
_diffrn_radiation.pdbx_monochromatic_or_laue_m_l   M 
_diffrn_radiation.pdbx_wavelength_list             ? 
_diffrn_radiation.pdbx_wavelength                  ? 
_diffrn_radiation.pdbx_diffrn_protocol             'SINGLE WAVELENGTH' 
_diffrn_radiation.pdbx_analyzer                    ? 
_diffrn_radiation.pdbx_scattering_type             x-ray 
# 
_diffrn_radiation_wavelength.id           1 
_diffrn_radiation_wavelength.wavelength   0.8729 
_diffrn_radiation_wavelength.wt           1.0 
# 
_diffrn_source.current                     ? 
_diffrn_source.details                     ? 
_diffrn_source.diffrn_id                   1 
_diffrn_source.power                       ? 
_diffrn_source.size                        ? 
_diffrn_source.source                      SYNCHROTRON 
_diffrn_source.target                      ? 
_diffrn_source.type                        'ESRF BEAMLINE ID23-2' 
_diffrn_source.voltage                     ? 
_diffrn_source.take-off_angle              ? 
_diffrn_source.pdbx_wavelength_list        0.8729 
_diffrn_source.pdbx_wavelength             ? 
_diffrn_source.pdbx_synchrotron_beamline   ID23-2 
_diffrn_source.pdbx_synchrotron_site       ESRF 
# 
_reflns.entry_id                     6FGR 
_reflns.pdbx_diffrn_id               1 
_reflns.pdbx_ordinal                 1 
_reflns.observed_criterion_sigma_I   ? 
_reflns.observed_criterion_sigma_F   ? 
_reflns.d_resolution_low             18.210 
_reflns.d_resolution_high            1.500 
_reflns.number_obs                   1397 
_reflns.number_all                   ? 
_reflns.percent_possible_obs         95.000 
_reflns.pdbx_Rmerge_I_obs            0.206 
_reflns.pdbx_Rsym_value              ? 
_reflns.pdbx_netI_over_sigmaI        7.180 
_reflns.B_iso_Wilson_estimate        16.205 
_reflns.pdbx_redundancy              9.890 
_reflns.pdbx_Rrim_I_all              0.217 
_reflns.pdbx_Rpim_I_all              ? 
_reflns.pdbx_CC_half                 0.994 
_reflns.pdbx_netI_over_av_sigmaI     ? 
_reflns.pdbx_number_measured_all     13816 
_reflns.pdbx_scaling_rejects         1 
_reflns.pdbx_chi_squared             0.835 
_reflns.Rmerge_F_all                 ? 
_reflns.Rmerge_F_obs                 ? 
_reflns.observed_criterion_F_max     ? 
_reflns.observed_criterion_F_min     ? 
_reflns.observed_criterion_I_max     ? 
_reflns.observed_criterion_I_min     ? 
_reflns.pdbx_d_res_high_opt          ? 
_reflns.pdbx_d_res_low_opt           ? 
_reflns.details                      ? 
# 
loop_
_reflns_shell.pdbx_diffrn_id 
_reflns_shell.pdbx_ordinal 
_reflns_shell.d_res_high 
_reflns_shell.d_res_low 
_reflns_shell.number_measured_obs 
_reflns_shell.number_measured_all 
_reflns_shell.number_unique_obs 
_reflns_shell.pdbx_rejects 
_reflns_shell.Rmerge_I_obs 
_reflns_shell.meanI_over_sigI_obs 
_reflns_shell.pdbx_Rsym_value 
_reflns_shell.pdbx_chi_squared 
_reflns_shell.pdbx_redundancy 
_reflns_shell.percent_possible_obs 
_reflns_shell.pdbx_netI_over_sigmaI_obs 
_reflns_shell.number_possible 
_reflns_shell.number_unique_all 
_reflns_shell.Rmerge_F_all 
_reflns_shell.Rmerge_F_obs 
_reflns_shell.Rmerge_I_all 
_reflns_shell.meanI_over_sigI_all 
_reflns_shell.percent_possible_all 
_reflns_shell.pdbx_Rrim_I_all 
_reflns_shell.pdbx_Rpim_I_all 
_reflns_shell.pdbx_CC_half 
1 1  1.500 1.560  770  ? 158 ? 0.622 2.390  ? ? 4.873  ? ? 177 ? ? ? ? ? 89.300  0.694 ? 0.744 
1 2  1.560 1.620  716  ? 109 ? 0.447 3.440  ? ? 6.569  ? ? 147 ? ? ? ? ? 74.100  0.484 ? 0.920 
1 3  1.620 1.690  1276 ? 133 ? 0.547 3.720  ? ? 9.594  ? ? 134 ? ? ? ? ? 99.300  0.577 ? 0.857 
1 4  1.690 1.780  1234 ? 118 ? 0.521 4.260  ? ? 10.458 ? ? 118 ? ? ? ? ? 100.000 0.550 ? 0.879 
1 5  1.780 1.870  1289 ? 120 ? 0.380 4.800  ? ? 10.742 ? ? 121 ? ? ? ? ? 99.200  0.399 ? 0.971 
1 6  1.870 1.990  1428 ? 125 ? 0.251 7.970  ? ? 11.424 ? ? 126 ? ? ? ? ? 99.200  0.262 ? 0.990 
1 7  1.990 2.120  1527 ? 130 ? 0.260 8.290  ? ? 11.746 ? ? 131 ? ? ? ? ? 99.200  0.272 ? 0.977 
1 8  2.120 2.290  1464 ? 122 ? 0.223 9.970  ? ? 12.000 ? ? 118 ? ? ? ? ? 100     0.233 ? 0.984 
1 9  2.290 2.510  847  ? 89  ? 0.214 8.640  ? ? 9.517  ? ? 101 ? ? ? ? ? 88.100  0.226 ? 0.992 
1 10 2.510 2.810  767  ? 73  ? 0.179 9.700  ? ? 10.507 ? ? 75  ? ? ? ? ? 97.300  0.188 ? 0.996 
1 11 2.810 3.240  735  ? 69  ? 0.182 10.140 ? ? 10.652 ? ? 69  ? ? ? ? ? 100.000 0.190 ? 0.996 
1 12 3.240 3.970  842  ? 74  ? 0.150 14.200 ? ? 11.378 ? ? 74  ? ? ? ? ? 100.000 0.156 ? 0.994 
1 13 3.970 5.620  680  ? 57  ? 0.126 16.510 ? ? 11.930 ? ? 58  ? ? ? ? ? 98.300  0.132 ? 0.989 
1 14 5.620 18.210 241  ? 20  ? 0.096 12.380 ? ? 12.050 ? ? 22  ? ? ? ? ? 90.900  0.100 ? 1.000 
# 
_refine.entry_id                                 6FGR 
_refine.pdbx_refine_id                           'X-RAY DIFFRACTION' 
_refine.ls_d_res_high                            1.5000 
_refine.ls_d_res_low                             18.2100 
_refine.pdbx_ls_sigma_F                          0.000 
_refine.pdbx_data_cutoff_high_absF               ? 
_refine.pdbx_data_cutoff_low_absF                ? 
_refine.ls_percent_reflns_obs                    95.1000 
_refine.ls_number_reflns_obs                     1257 
_refine.ls_number_reflns_all                     ? 
_refine.pdbx_ls_cross_valid_method               THROUGHOUT 
_refine.ls_matrix_type                           ? 
_refine.pdbx_R_Free_selection_details            RANDOM 
_refine.details                                  
'HYDROGENS HAVE BEEN ADDED IN THE RIDING POSITIONS U VALUES      : REFINED INDIVIDUALLY' 
_refine.ls_R_factor_all                          ? 
_refine.ls_R_factor_obs                          0.1869 
_refine.ls_R_factor_R_work                       0.1828 
_refine.ls_wR_factor_R_work                      0.1868 
_refine.ls_R_factor_R_free                       0.2215 
_refine.ls_wR_factor_R_free                      0.2222 
_refine.ls_percent_reflns_R_free                 10.0000 
_refine.ls_number_reflns_R_free                  140 
_refine.ls_number_reflns_R_work                  ? 
_refine.ls_R_factor_R_free_error                 ? 
_refine.B_iso_mean                               9.1280 
_refine.solvent_model_param_bsol                 ? 
_refine.solvent_model_param_ksol                 ? 
_refine.pdbx_isotropic_thermal_model             ? 
_refine.aniso_B[1][1]                            0.0000 
_refine.aniso_B[2][2]                            -0.3000 
_refine.aniso_B[3][3]                            0.3300 
_refine.aniso_B[1][2]                            -0.0500 
_refine.aniso_B[1][3]                            0.0000 
_refine.aniso_B[2][3]                            -0.1300 
_refine.correlation_coeff_Fo_to_Fc               0.9590 
_refine.correlation_coeff_Fo_to_Fc_free          0.9440 
_refine.overall_SU_R_Cruickshank_DPI             0.3052 
_refine.pdbx_overall_SU_R_free_Cruickshank_DPI   ? 
_refine.pdbx_overall_SU_R_Blow_DPI               ? 
_refine.pdbx_overall_SU_R_free_Blow_DPI          ? 
_refine.overall_SU_R_free                        0.1113 
_refine.pdbx_overall_ESU_R                       0.3050 
_refine.pdbx_overall_ESU_R_Free                  0.1110 
_refine.overall_SU_ML                            0.0710 
_refine.overall_SU_B                             4.3470 
_refine.solvent_model_details                    MASK 
_refine.pdbx_solvent_vdw_probe_radii             1.2000 
_refine.pdbx_solvent_ion_probe_radii             0.8000 
_refine.pdbx_solvent_shrinkage_radii             0.8000 
_refine.ls_number_parameters                     ? 
_refine.ls_number_restraints                     ? 
_refine.pdbx_starting_model                      'ideal beta-strand of poly-ala' 
_refine.pdbx_method_to_determine_struct          'MOLECULAR REPLACEMENT' 
_refine.pdbx_stereochemistry_target_values       'MAXIMUM LIKELIHOOD' 
_refine.pdbx_stereochem_target_val_spec_case     ? 
_refine.overall_FOM_work_R_set                   0.8212 
_refine.B_iso_max                                61.860 
_refine.B_iso_min                                1.710 
_refine.pdbx_overall_phase_error                 ? 
_refine.occupancy_max                            ? 
_refine.occupancy_min                            ? 
_refine.pdbx_diffrn_id                           1 
_refine.pdbx_TLS_residual_ADP_flag               ? 
_refine.pdbx_ls_sigma_I                          ? 
_refine.pdbx_data_cutoff_high_rms_absF           ? 
_refine.ls_R_factor_R_free_error_details         ? 
# 
_refine_hist.cycle_id                         final 
_refine_hist.pdbx_refine_id                   'X-RAY DIFFRACTION' 
_refine_hist.d_res_high                       1.5000 
_refine_hist.d_res_low                        18.2100 
_refine_hist.pdbx_number_atoms_ligand         22 
_refine_hist.number_atoms_solvent             3 
_refine_hist.number_atoms_total               127 
_refine_hist.pdbx_number_residues_total       12 
_refine_hist.pdbx_B_iso_mean_ligand           30.37 
_refine_hist.pdbx_B_iso_mean_solvent          26.93 
_refine_hist.pdbx_number_atoms_protein        102 
_refine_hist.pdbx_number_atoms_nucleic_acid   0 
# 
loop_
_refine_ls_restr.pdbx_refine_id 
_refine_ls_restr.type 
_refine_ls_restr.number 
_refine_ls_restr.dev_ideal 
_refine_ls_restr.dev_ideal_target 
_refine_ls_restr.weight 
_refine_ls_restr.pdbx_restraint_function 
'X-RAY DIFFRACTION' r_bond_refined_d       117 0.010  0.020  ? ? 
'X-RAY DIFFRACTION' r_bond_other_d         159 0.019  0.020  ? ? 
'X-RAY DIFFRACTION' r_angle_refined_deg    148 1.903  2.226  ? ? 
'X-RAY DIFFRACTION' r_angle_other_deg      365 0.958  3.000  ? ? 
'X-RAY DIFFRACTION' r_dihedral_angle_1_deg 10  7.356  5.000  ? ? 
'X-RAY DIFFRACTION' r_dihedral_angle_3_deg 32  14.769 15.000 ? ? 
'X-RAY DIFFRACTION' r_chiral_restr         22  0.120  0.200  ? ? 
'X-RAY DIFFRACTION' r_gen_planes_refined   78  0.006  0.020  ? ? 
'X-RAY DIFFRACTION' r_gen_planes_other     10  0.001  0.020  ? ? 
'X-RAY DIFFRACTION' r_rigid_bond_restr     276 8.146  3.000  ? ? 
'X-RAY DIFFRACTION' r_sphericity_free      1   8.676  5.000  ? ? 
'X-RAY DIFFRACTION' r_sphericity_bonded    285 2.709  5.000  ? ? 
# 
_refine_ls_shell.d_res_high                       1.5020 
_refine_ls_shell.d_res_low                        1.5400 
_refine_ls_shell.pdbx_total_number_of_bins_used   20 
_refine_ls_shell.percent_reflns_obs               93.8600 
_refine_ls_shell.number_reflns_R_work             96 
_refine_ls_shell.R_factor_all                     ? 
_refine_ls_shell.R_factor_R_work                  0.2640 
_refine_ls_shell.R_factor_R_free                  0.2610 
_refine_ls_shell.percent_reflns_R_free            ? 
_refine_ls_shell.number_reflns_R_free             11 
_refine_ls_shell.R_factor_R_free_error            0.0000 
_refine_ls_shell.number_reflns_all                107 
_refine_ls_shell.number_reflns_obs                ? 
_refine_ls_shell.pdbx_refine_id                   'X-RAY DIFFRACTION' 
_refine_ls_shell.R_factor_obs                     ? 
# 
_struct.entry_id                     6FGR 
_struct.title                        
'Crystal Structure of the Amyloid-like IIKIIK Segment from the S. aureus Biofilm-associated PSMalpha4' 
_struct.pdbx_model_details           'Phenol Soluble Modulin' 
_struct.pdbx_formula_weight          ? 
_struct.pdbx_formula_weight_method   ? 
_struct.pdbx_model_type_details      ? 
_struct.pdbx_CASP_flag               N 
# 
_struct_keywords.entry_id        6FGR 
_struct_keywords.text            'steric-zipper, cross-beta, bacterial amyloid fibril, S. aureus, PSM, PROTEIN FIBRIL' 
_struct_keywords.pdbx_keywords   'PROTEIN FIBRIL' 
# 
loop_
_struct_asym.id 
_struct_asym.pdbx_blank_PDB_chainid_flag 
_struct_asym.pdbx_modified 
_struct_asym.entity_id 
_struct_asym.details 
A N N 1 ? 
B N N 1 ? 
C N N 2 ? 
D N N 3 ? 
E N N 3 ? 
F N N 4 ? 
G N N 4 ? 
# 
_struct_ref.id                         1 
_struct_ref.db_name                    UNP 
_struct_ref.db_code                    H9BRQ8_STAAU 
_struct_ref.pdbx_db_accession          H9BRQ8 
_struct_ref.pdbx_db_isoform            ? 
_struct_ref.entity_id                  1 
_struct_ref.pdbx_seq_one_letter_code   IIKIIK 
_struct_ref.pdbx_align_begin           7 
# 
loop_
_struct_ref_seq.align_id 
_struct_ref_seq.ref_id 
_struct_ref_seq.pdbx_PDB_id_code 
_struct_ref_seq.pdbx_strand_id 
_struct_ref_seq.seq_align_beg 
_struct_ref_seq.pdbx_seq_align_beg_ins_code 
_struct_ref_seq.seq_align_end 
_struct_ref_seq.pdbx_seq_align_end_ins_code 
_struct_ref_seq.pdbx_db_accession 
_struct_ref_seq.db_align_beg 
_struct_ref_seq.pdbx_db_align_beg_ins_code 
_struct_ref_seq.db_align_end 
_struct_ref_seq.pdbx_db_align_end_ins_code 
_struct_ref_seq.pdbx_auth_seq_align_beg 
_struct_ref_seq.pdbx_auth_seq_align_end 
1 1 6FGR B 1 ? 6 ? H9BRQ8 7 ? 12 ? 1 6 
2 1 6FGR A 1 ? 6 ? H9BRQ8 7 ? 12 ? 1 6 
# 
_pdbx_struct_assembly.id                   1 
_pdbx_struct_assembly.details              author_defined_assembly 
_pdbx_struct_assembly.method_details       ? 
_pdbx_struct_assembly.oligomeric_details   octadecameric 
_pdbx_struct_assembly.oligomeric_count     18 
# 
loop_
_pdbx_struct_assembly_gen.assembly_id 
_pdbx_struct_assembly_gen.oper_expression 
_pdbx_struct_assembly_gen.asym_id_list 
1 1 A,B,C,D,E,F,G 
1 2 A,B,C,D,E,F,G 
1 3 A,B,C,D,E,F,G 
1 4 A,B,C,D,E,F,G 
1 5 A,B,C,D,E,F,G 
1 6 A,B,C,D,E,F,G 
1 7 A,B,C,D,E,F,G 
1 8 A,B,C,D,E,F,G 
1 9 A,B,C,D,E,F,G 
# 
_pdbx_struct_assembly_auth_evidence.id                     1 
_pdbx_struct_assembly_auth_evidence.assembly_id            1 
_pdbx_struct_assembly_auth_evidence.experimental_support   microscopy 
_pdbx_struct_assembly_auth_evidence.details                'Fibrils were visualized by electron microscopy' 
# 
loop_
_pdbx_struct_oper_list.id 
_pdbx_struct_oper_list.type 
_pdbx_struct_oper_list.name 
_pdbx_struct_oper_list.symmetry_operation 
_pdbx_struct_oper_list.matrix[1][1] 
_pdbx_struct_oper_list.matrix[1][2] 
_pdbx_struct_oper_list.matrix[1][3] 
_pdbx_struct_oper_list.vector[1] 
_pdbx_struct_oper_list.matrix[2][1] 
_pdbx_struct_oper_list.matrix[2][2] 
_pdbx_struct_oper_list.matrix[2][3] 
_pdbx_struct_oper_list.vector[2] 
_pdbx_struct_oper_list.matrix[3][1] 
_pdbx_struct_oper_list.matrix[3][2] 
_pdbx_struct_oper_list.matrix[3][3] 
_pdbx_struct_oper_list.vector[3] 
1 'identity operation'         1_555 x,y,z   1.0000000000 0.0000000000 0.0000000000 0.0000000000   0.0000000000 1.0000000000 0.0000000000 0.0000000000   0.0000000000 0.0000000000 1.0000000000 0.0000000000  
2 'crystal symmetry operation' 1_155 x-4,y,z 1.0000000000 0.0000000000 0.0000000000 -10.9533797749 0.0000000000 1.0000000000 0.0000000000 15.7159743444  0.0000000000 0.0000000000 1.0000000000 2.5087889333  
3 'crystal symmetry operation' 1_255 x-3,y,z 1.0000000000 0.0000000000 0.0000000000 -8.2150348312  0.0000000000 1.0000000000 0.0000000000 11.7869807583  0.0000000000 0.0000000000 1.0000000000 1.8815916999  
4 'crystal symmetry operation' 1_355 x-2,y,z 1.0000000000 0.0000000000 0.0000000000 -5.4766898875  0.0000000000 1.0000000000 0.0000000000 7.8579871722   0.0000000000 0.0000000000 1.0000000000 1.2543944666  
5 'crystal symmetry operation' 1_455 x-1,y,z 1.0000000000 0.0000000000 0.0000000000 -2.7383449437  0.0000000000 1.0000000000 0.0000000000 3.9289935861   0.0000000000 0.0000000000 1.0000000000 0.6271972333  
6 'crystal symmetry operation' 1_655 x+1,y,z 1.0000000000 0.0000000000 0.0000000000 2.7383449437   0.0000000000 1.0000000000 0.0000000000 -3.9289935861  0.0000000000 0.0000000000 1.0000000000 -0.6271972333 
7 'crystal symmetry operation' 1_755 x+2,y,z 1.0000000000 0.0000000000 0.0000000000 5.4766898875   0.0000000000 1.0000000000 0.0000000000 -7.8579871722  0.0000000000 0.0000000000 1.0000000000 -1.2543944666 
8 'crystal symmetry operation' 1_855 x+3,y,z 1.0000000000 0.0000000000 0.0000000000 8.2150348312   0.0000000000 1.0000000000 0.0000000000 -11.7869807583 0.0000000000 0.0000000000 1.0000000000 -1.8815916999 
9 'crystal symmetry operation' 1_955 x+4,y,z 1.0000000000 0.0000000000 0.0000000000 10.9533797749  0.0000000000 1.0000000000 0.0000000000 -15.7159743444 0.0000000000 0.0000000000 1.0000000000 -2.5087889333 
# 
loop_
_struct_site.id 
_struct_site.pdbx_evidence_code 
_struct_site.pdbx_auth_asym_id 
_struct_site.pdbx_auth_comp_id 
_struct_site.pdbx_auth_seq_id 
_struct_site.pdbx_auth_ins_code 
_struct_site.pdbx_num_residues 
_struct_site.details 
AC1 Software B EDO 101 ? 6 'binding site for residue EDO B 101' 
AC2 Software B SO4 102 ? 8 'binding site for residue SO4 B 102' 
AC3 Software B SO4 103 ? 7 'binding site for residue SO4 B 103' 
# 
loop_
_struct_site_gen.id 
_struct_site_gen.site_id 
_struct_site_gen.pdbx_num_res 
_struct_site_gen.label_comp_id 
_struct_site_gen.label_asym_id 
_struct_site_gen.label_seq_id 
_struct_site_gen.pdbx_auth_ins_code 
_struct_site_gen.auth_comp_id 
_struct_site_gen.auth_asym_id 
_struct_site_gen.auth_seq_id 
_struct_site_gen.label_atom_id 
_struct_site_gen.label_alt_id 
_struct_site_gen.symmetry 
_struct_site_gen.details 
1  AC1 6 LYS B 3 ? LYS A 3   . ? 1_665 ? 
2  AC1 6 LYS B 3 ? LYS A 3   . ? 1_565 ? 
3  AC1 6 LYS B 6 ? LYS A 6   . ? 1_555 ? 
4  AC1 6 LYS A 3 ? LYS B 3   . ? 1_655 ? 
5  AC1 6 LYS A 3 ? LYS B 3   . ? 1_555 ? 
6  AC1 6 LYS A 6 ? LYS B 6   . ? 1_665 ? 
7  AC2 8 ILE B 1 ? ILE A 1   . ? 1_554 ? 
8  AC2 8 ILE B 1 ? ILE A 1   . ? 1_654 ? 
9  AC2 8 LYS B 6 ? LYS A 6   . ? 1_444 ? 
10 AC2 8 LYS B 6 ? LYS A 6   . ? 1_544 ? 
11 AC2 8 LYS A 6 ? LYS B 6   . ? 1_655 ? 
12 AC2 8 LYS A 6 ? LYS B 6   . ? 1_555 ? 
13 AC2 8 SO4 E . ? SO4 B 103 . ? 1_555 ? 
14 AC2 8 HOH F . ? HOH B 201 . ? 1_555 ? 
15 AC3 7 LYS B 6 ? LYS A 6   . ? 1_444 ? 
16 AC3 7 LYS B 6 ? LYS A 6   . ? 1_544 ? 
17 AC3 7 ILE A 1 ? ILE B 1   . ? 1_645 ? 
18 AC3 7 ILE A 1 ? ILE B 1   . ? 1_545 ? 
19 AC3 7 LYS A 6 ? LYS B 6   . ? 1_655 ? 
20 AC3 7 LYS A 6 ? LYS B 6   . ? 1_555 ? 
21 AC3 7 SO4 D . ? SO4 B 102 . ? 1_555 ? 
# 
_pdbx_phasing_MR.entry_id                     6FGR 
_pdbx_phasing_MR.method_rotation              ? 
_pdbx_phasing_MR.method_translation           ? 
_pdbx_phasing_MR.model_details                'Phaser MODE: MR_AUTO' 
_pdbx_phasing_MR.R_factor                     ? 
_pdbx_phasing_MR.R_rigid_body                 ? 
_pdbx_phasing_MR.correlation_coeff_Fo_to_Fc   ? 
_pdbx_phasing_MR.correlation_coeff_Io_to_Ic   ? 
_pdbx_phasing_MR.d_res_high_rotation          ? 
_pdbx_phasing_MR.d_res_low_rotation           ? 
_pdbx_phasing_MR.d_res_high_translation       ? 
_pdbx_phasing_MR.d_res_low_translation        ? 
_pdbx_phasing_MR.packing                      0.000 
_pdbx_phasing_MR.reflns_percent_rotation      ? 
_pdbx_phasing_MR.reflns_percent_translation   ? 
_pdbx_phasing_MR.sigma_F_rotation             ? 
_pdbx_phasing_MR.sigma_F_translation          ? 
_pdbx_phasing_MR.sigma_I_rotation             ? 
_pdbx_phasing_MR.sigma_I_translation          ? 
# 
_phasing.method   MR 
# 
loop_
_chem_comp_atom.comp_id 
_chem_comp_atom.atom_id 
_chem_comp_atom.type_symbol 
_chem_comp_atom.pdbx_aromatic_flag 
_chem_comp_atom.pdbx_stereo_config 
_chem_comp_atom.pdbx_ordinal 
EDO C1   C N N 1  
EDO O1   O N N 2  
EDO C2   C N N 3  
EDO O2   O N N 4  
EDO H11  H N N 5  
EDO H12  H N N 6  
EDO HO1  H N N 7  
EDO H21  H N N 8  
EDO H22  H N N 9  
EDO HO2  H N N 10 
HOH O    O N N 11 
HOH H1   H N N 12 
HOH H2   H N N 13 
ILE N    N N N 14 
ILE CA   C N S 15 
ILE C    C N N 16 
ILE O    O N N 17 
ILE CB   C N S 18 
ILE CG1  C N N 19 
ILE CG2  C N N 20 
ILE CD1  C N N 21 
ILE OXT  O N N 22 
ILE H    H N N 23 
ILE H2   H N N 24 
ILE HA   H N N 25 
ILE HB   H N N 26 
ILE HG12 H N N 27 
ILE HG13 H N N 28 
ILE HG21 H N N 29 
ILE HG22 H N N 30 
ILE HG23 H N N 31 
ILE HD11 H N N 32 
ILE HD12 H N N 33 
ILE HD13 H N N 34 
ILE HXT  H N N 35 
LYS N    N N N 36 
LYS CA   C N S 37 
LYS C    C N N 38 
LYS O    O N N 39 
LYS CB   C N N 40 
LYS CG   C N N 41 
LYS CD   C N N 42 
LYS CE   C N N 43 
LYS NZ   N N N 44 
LYS OXT  O N N 45 
LYS H    H N N 46 
LYS H2   H N N 47 
LYS HA   H N N 48 
LYS HB2  H N N 49 
LYS HB3  H N N 50 
LYS HG2  H N N 51 
LYS HG3  H N N 52 
LYS HD2  H N N 53 
LYS HD3  H N N 54 
LYS HE2  H N N 55 
LYS HE3  H N N 56 
LYS HZ1  H N N 57 
LYS HZ2  H N N 58 
LYS HZ3  H N N 59 
LYS HXT  H N N 60 
SO4 S    S N N 61 
SO4 O1   O N N 62 
SO4 O2   O N N 63 
SO4 O3   O N N 64 
SO4 O4   O N N 65 
# 
loop_
_chem_comp_bond.comp_id 
_chem_comp_bond.atom_id_1 
_chem_comp_bond.atom_id_2 
_chem_comp_bond.value_order 
_chem_comp_bond.pdbx_aromatic_flag 
_chem_comp_bond.pdbx_stereo_config 
_chem_comp_bond.pdbx_ordinal 
EDO C1  O1   sing N N 1  
EDO C1  C2   sing N N 2  
EDO C1  H11  sing N N 3  
EDO C1  H12  sing N N 4  
EDO O1  HO1  sing N N 5  
EDO C2  O2   sing N N 6  
EDO C2  H21  sing N N 7  
EDO C2  H22  sing N N 8  
EDO O2  HO2  sing N N 9  
HOH O   H1   sing N N 10 
HOH O   H2   sing N N 11 
ILE N   CA   sing N N 12 
ILE N   H    sing N N 13 
ILE N   H2   sing N N 14 
ILE CA  C    sing N N 15 
ILE CA  CB   sing N N 16 
ILE CA  HA   sing N N 17 
ILE C   O    doub N N 18 
ILE C   OXT  sing N N 19 
ILE CB  CG1  sing N N 20 
ILE CB  CG2  sing N N 21 
ILE CB  HB   sing N N 22 
ILE CG1 CD1  sing N N 23 
ILE CG1 HG12 sing N N 24 
ILE CG1 HG13 sing N N 25 
ILE CG2 HG21 sing N N 26 
ILE CG2 HG22 sing N N 27 
ILE CG2 HG23 sing N N 28 
ILE CD1 HD11 sing N N 29 
ILE CD1 HD12 sing N N 30 
ILE CD1 HD13 sing N N 31 
ILE OXT HXT  sing N N 32 
LYS N   CA   sing N N 33 
LYS N   H    sing N N 34 
LYS N   H2   sing N N 35 
LYS CA  C    sing N N 36 
LYS CA  CB   sing N N 37 
LYS CA  HA   sing N N 38 
LYS C   O    doub N N 39 
LYS C   OXT  sing N N 40 
LYS CB  CG   sing N N 41 
LYS CB  HB2  sing N N 42 
LYS CB  HB3  sing N N 43 
LYS CG  CD   sing N N 44 
LYS CG  HG2  sing N N 45 
LYS CG  HG3  sing N N 46 
LYS CD  CE   sing N N 47 
LYS CD  HD2  sing N N 48 
LYS CD  HD3  sing N N 49 
LYS CE  NZ   sing N N 50 
LYS CE  HE2  sing N N 51 
LYS CE  HE3  sing N N 52 
LYS NZ  HZ1  sing N N 53 
LYS NZ  HZ2  sing N N 54 
LYS NZ  HZ3  sing N N 55 
LYS OXT HXT  sing N N 56 
SO4 S   O1   doub N N 57 
SO4 S   O2   doub N N 58 
SO4 S   O3   sing N N 59 
SO4 S   O4   sing N N 60 
# 
loop_
_pdbx_audit_support.funding_organization 
_pdbx_audit_support.country 
_pdbx_audit_support.grant_number 
_pdbx_audit_support.ordinal 
'Israel Science Foundation'                                                                Israel 560/16   1 
'Deutsch-IsraelischeProjektkooperation (DIP)'                                              Israel 3655/1-1 2 
'I-CORE Program of the Planning and Budgeting Committee and The Israel Science Foundation' Israel 1775/12  3 
'United States - Israel Binational Science Foundation (BSF)'                               Israel 2013254  4 
# 
_pdbx_initial_refinement_model.accession_code   ? 
_pdbx_initial_refinement_model.id               1 
_pdbx_initial_refinement_model.entity_id_list   ? 
_pdbx_initial_refinement_model.type             'in silico model' 
_pdbx_initial_refinement_model.source_name      Other 
_pdbx_initial_refinement_model.details          'ideal beta-strand of poly-ala' 
# 
_atom_sites.entry_id                    6FGR 
_atom_sites.fract_transf_matrix[1][1]   0.12610788 
_atom_sites.fract_transf_matrix[1][2]   -0.16580111 
_atom_sites.fract_transf_matrix[1][3]   -0.00516583 
_atom_sites.fract_transf_matrix[2][1]   0.01748526 
_atom_sites.fract_transf_matrix[2][2]   0.00526855 
_atom_sites.fract_transf_matrix[2][3]   0.04333657 
_atom_sites.fract_transf_matrix[3][1]   -0.02691331 
_atom_sites.fract_transf_matrix[3][2]   -0.02325450 
_atom_sites.fract_transf_matrix[3][3]   0.02817111 
_atom_sites.fract_transf_vector[1]      1.044589 
_atom_sites.fract_transf_vector[2]      0.241612 
_atom_sites.fract_transf_vector[3]      0.121441 
# 
loop_
_atom_type.symbol 
C 
N 
O 
S 
# 
loop_
_atom_site.group_PDB 
_atom_site.id 
_atom_site.type_symbol 
_atom_site.label_atom_id 
_atom_site.label_alt_id 
_atom_site.label_comp_id 
_atom_site.label_asym_id 
_atom_site.label_entity_id 
_atom_site.label_seq_id 
_atom_site.pdbx_PDB_ins_code 
_atom_site.Cartn_x 
_atom_site.Cartn_y 
_atom_site.Cartn_z 
_atom_site.occupancy 
_atom_site.B_iso_or_equiv 
_atom_site.pdbx_formal_charge 
_atom_site.auth_seq_id 
_atom_site.auth_comp_id 
_atom_site.auth_asym_id 
_atom_site.auth_atom_id 
_atom_site.pdbx_PDB_model_num 
ATOM   1   N N   . ILE A 1 1 ? 10.206  8.527  3.017   1.00 9.93  ? 1   ILE B N   1 
ATOM   2   C CA  . ILE A 1 1 ? 9.296   7.342  3.046   1.00 8.51  ? 1   ILE B CA  1 
ATOM   3   C C   . ILE A 1 1 ? 8.249   7.535  1.949   1.00 8.02  ? 1   ILE B C   1 
ATOM   4   O O   . ILE A 1 1 ? 7.581   8.573  1.909   1.00 8.75  ? 1   ILE B O   1 
ATOM   5   C CB  . ILE A 1 1 ? 8.592   7.185  4.435   1.00 10.19 ? 1   ILE B CB  1 
ATOM   6   C CG1 . ILE A 1 1 ? 9.569   6.648  5.476   1.00 11.55 ? 1   ILE B CG1 1 
ATOM   7   C CG2 . ILE A 1 1 ? 7.412   6.220  4.407   1.00 10.70 ? 1   ILE B CG2 1 
ATOM   8   C CD1 . ILE A 1 1 ? 9.451   7.377  6.784   1.00 13.63 ? 1   ILE B CD1 1 
ATOM   9   N N   . ILE A 1 2 ? 8.115   6.535  1.083   1.00 5.83  ? 2   ILE B N   1 
ATOM   10  C CA  . ILE A 1 2 ? 7.141   6.571  -0.008  1.00 5.72  ? 2   ILE B CA  1 
ATOM   11  C C   . ILE A 1 2 ? 6.393   5.266  0.081   1.00 5.58  ? 2   ILE B C   1 
ATOM   12  O O   . ILE A 1 2 ? 6.995   4.206  0.063   1.00 6.32  ? 2   ILE B O   1 
ATOM   13  C CB  . ILE A 1 2 ? 7.819   6.728  -1.387  1.00 5.69  ? 2   ILE B CB  1 
ATOM   14  C CG1 . ILE A 1 2 ? 8.501   8.093  -1.495  1.00 6.05  ? 2   ILE B CG1 1 
ATOM   15  C CG2 . ILE A 1 2 ? 6.787   6.519  -2.499  1.00 5.68  ? 2   ILE B CG2 1 
ATOM   16  C CD1 . ILE A 1 2 ? 9.515   8.217  -2.614  1.00 6.50  ? 2   ILE B CD1 1 
ATOM   17  N N   . LYS A 1 3 ? 5.072   5.373  0.201   1.00 4.89  ? 3   LYS B N   1 
ATOM   18  C CA  . LYS A 1 3 ? 4.185   4.198  0.225   1.00 4.79  ? 3   LYS B CA  1 
ATOM   19  C C   . LYS A 1 3 ? 3.078   4.401  -0.788  1.00 4.35  ? 3   LYS B C   1 
ATOM   20  O O   . LYS A 1 3 ? 2.350   5.403  -0.698  1.00 4.38  ? 3   LYS B O   1 
ATOM   21  C CB  . LYS A 1 3 ? 3.603   4.042  1.630   1.00 5.05  ? 3   LYS B CB  1 
ATOM   22  C CG  . LYS A 1 3 ? 4.635   3.663  2.693   1.00 5.54  ? 3   LYS B CG  1 
ATOM   23  C CD  . LYS A 1 3 ? 4.055   3.779  4.102   1.00 6.66  ? 3   LYS B CD  1 
ATOM   24  C CE  . LYS A 1 3 ? 5.051   3.275  5.122   1.00 7.19  ? 3   LYS B CE  1 
ATOM   25  N NZ  . LYS A 1 3 ? 4.436   3.165  6.479   1.00 7.64  ? 3   LYS B NZ  1 
ATOM   26  N N   . ILE A 1 4 ? 2.964   3.471  -1.752  1.00 4.25  ? 4   ILE B N   1 
ATOM   27  C CA  . ILE A 1 4 ? 1.971   3.578  -2.821  1.00 4.29  ? 4   ILE B CA  1 
ATOM   28  C C   . ILE A 1 4 ? 1.227   2.268  -2.983  1.00 4.36  ? 4   ILE B C   1 
ATOM   29  O O   . ILE A 1 4 ? 1.856   1.238  -3.137  1.00 4.01  ? 4   ILE B O   1 
ATOM   30  C CB  . ILE A 1 4 ? 2.646   3.887  -4.177  1.00 4.50  ? 4   ILE B CB  1 
ATOM   31  C CG1 . ILE A 1 4 ? 3.454   5.172  -4.114  1.00 4.89  ? 4   ILE B CG1 1 
ATOM   32  C CG2 . ILE A 1 4 ? 1.599   3.983  -5.277  1.00 4.32  ? 4   ILE B CG2 1 
ATOM   33  C CD1 . ILE A 1 4 ? 4.506   5.152  -5.188  1.00 6.37  ? 4   ILE B CD1 1 
ATOM   34  N N   . ILE A 1 5 ? -0.107  2.359  -3.035  1.00 4.26  ? 5   ILE B N   1 
ATOM   35  C CA  . ILE A 1 5 ? -0.980  1.276  -3.462  1.00 5.06  ? 5   ILE B CA  1 
ATOM   36  C C   . ILE A 1 5 ? -1.656  1.703  -4.764  1.00 6.82  ? 5   ILE B C   1 
ATOM   37  O O   . ILE A 1 5 ? -2.393  2.697  -4.793  1.00 7.99  ? 5   ILE B O   1 
ATOM   38  C CB  . ILE A 1 5 ? -2.045  0.887  -2.422  1.00 4.79  ? 5   ILE B CB  1 
ATOM   39  C CG1 . ILE A 1 5 ? -1.377  0.456  -1.120  1.00 4.66  ? 5   ILE B CG1 1 
ATOM   40  C CG2 . ILE A 1 5 ? -2.918  -0.256 -2.974  1.00 5.15  ? 5   ILE B CG2 1 
ATOM   41  C CD1 . ILE A 1 5 ? -2.342  0.270  0.042   1.00 4.88  ? 5   ILE B CD1 1 
ATOM   42  N N   . LYS A 1 6 ? -1.411  0.925  -5.821  1.00 8.65  ? 6   LYS B N   1 
ATOM   43  C CA  . LYS A 1 6 ? -2.046  1.156  -7.123  1.00 12.16 ? 6   LYS B CA  1 
ATOM   44  C C   . LYS A 1 6 ? -3.214  0.178  -7.344  1.00 17.45 ? 6   LYS B C   1 
ATOM   45  O O   . LYS A 1 6 ? -3.511  -0.723 -6.528  1.00 21.09 ? 6   LYS B O   1 
ATOM   46  C CB  . LYS A 1 6 ? -1.021  1.046  -8.249  1.00 12.97 ? 6   LYS B CB  1 
ATOM   47  C CG  . LYS A 1 6 ? 0.293   1.763  -8.011  1.00 14.24 ? 6   LYS B CG  1 
ATOM   48  C CD  . LYS A 1 6 ? 0.896   2.334  -9.280  1.00 15.34 ? 6   LYS B CD  1 
ATOM   49  C CE  . LYS A 1 6 ? 1.864   1.391  -9.948  1.00 17.74 ? 6   LYS B CE  1 
ATOM   50  N NZ  . LYS A 1 6 ? 2.465   2.115  -11.109 1.00 19.51 ? 6   LYS B NZ  1 
ATOM   51  O OXT . LYS A 1 6 ? -3.918  0.273  -8.355  1.00 20.32 ? 6   LYS B OXT 1 
ATOM   52  N N   . ILE B 1 1 ? -10.712 -8.016 -2.841  1.00 7.48  ? 1   ILE A N   1 
ATOM   53  C CA  . ILE B 1 1 ? -9.321  -7.468 -3.027  1.00 7.46  ? 1   ILE A CA  1 
ATOM   54  C C   . ILE B 1 1 ? -8.900  -6.690 -1.793  1.00 6.56  ? 1   ILE A C   1 
ATOM   55  O O   . ILE B 1 1 ? -9.586  -5.756 -1.398  1.00 6.46  ? 1   ILE A O   1 
ATOM   56  C CB  . ILE B 1 1 ? -9.286  -6.516 -4.233  1.00 8.30  ? 1   ILE A CB  1 
ATOM   57  C CG1 . ILE B 1 1 ? -9.807  -7.225 -5.511  1.00 9.73  ? 1   ILE A CG1 1 
ATOM   58  C CG2 . ILE B 1 1 ? -7.952  -5.802 -4.381  1.00 8.83  ? 1   ILE A CG2 1 
ATOM   59  C CD1 . ILE B 1 1 ? -8.977  -8.380 -5.982  1.00 11.90 ? 1   ILE A CD1 1 
ATOM   60  N N   . ILE B 1 2 ? -7.809  -7.110 -1.171  1.00 5.43  ? 2   ILE A N   1 
ATOM   61  C CA  . ILE B 1 2 ? -7.275  -6.438 0.023   1.00 5.19  ? 2   ILE A CA  1 
ATOM   62  C C   . ILE B 1 2 ? -5.806  -6.150 -0.209  1.00 4.94  ? 2   ILE A C   1 
ATOM   63  O O   . ILE B 1 2 ? -5.050  -7.056 -0.467  1.00 5.06  ? 2   ILE A O   1 
ATOM   64  C CB  . ILE B 1 2 ? -7.470  -7.324 1.283   1.00 5.29  ? 2   ILE A CB  1 
ATOM   65  C CG1 . ILE B 1 2 ? -8.974  -7.475 1.587   1.00 5.33  ? 2   ILE A CG1 1 
ATOM   66  C CG2 . ILE B 1 2 ? -6.757  -6.718 2.473   1.00 5.01  ? 2   ILE A CG2 1 
ATOM   67  C CD1 . ILE B 1 2 ? -9.279  -8.575 2.590   1.00 5.94  ? 2   ILE A CD1 1 
ATOM   68  N N   . LYS B 1 3 ? -5.408  -4.875 -0.040  1.00 4.36  ? 3   LYS A N   1 
ATOM   69  C CA  . LYS B 1 3 ? -4.019  -4.419 -0.228  1.00 4.69  ? 3   LYS A CA  1 
ATOM   70  C C   . LYS B 1 3 ? -3.669  -3.560 0.958   1.00 4.50  ? 3   LYS A C   1 
ATOM   71  O O   . LYS B 1 3 ? -4.329  -2.539 1.208   1.00 4.98  ? 3   LYS A O   1 
ATOM   72  C CB  . LYS B 1 3 ? -3.909  -3.601 -1.515  1.00 4.84  ? 3   LYS A CB  1 
ATOM   73  C CG  . LYS B 1 3 ? -4.095  -4.442 -2.770  1.00 5.49  ? 3   LYS A CG  1 
ATOM   74  C CD  . LYS B 1 3 ? -4.033  -3.597 -4.034  1.00 6.16  ? 3   LYS A CD  1 
ATOM   75  C CE  . LYS B 1 3 ? -4.114  -4.482 -5.255  1.00 7.21  ? 3   LYS A CE  1 
ATOM   76  N NZ  . LYS B 1 3 ? -4.112  -3.734 -6.551  1.00 8.15  ? 3   LYS A NZ  1 
ATOM   77  N N   . ILE B 1 4 ? -2.627  -3.960 1.688   1.00 4.58  ? 4   ILE A N   1 
ATOM   78  C CA  . ILE B 1 4 ? -2.243  -3.247 2.895   1.00 4.84  ? 4   ILE A CA  1 
ATOM   79  C C   . ILE B 1 4 ? -0.724  -3.019 2.926   1.00 4.85  ? 4   ILE A C   1 
ATOM   80  O O   . ILE B 1 4 ? 0.060   -3.940 2.733   1.00 4.25  ? 4   ILE A O   1 
ATOM   81  C CB  . ILE B 1 4 ? -2.676  -3.998 4.189   1.00 4.93  ? 4   ILE A CB  1 
ATOM   82  C CG1 . ILE B 1 4 ? -4.175  -4.320 4.213   1.00 5.79  ? 4   ILE A CG1 1 
ATOM   83  C CG2 . ILE B 1 4 ? -2.224  -3.227 5.409   1.00 4.93  ? 4   ILE A CG2 1 
ATOM   84  C CD1 . ILE B 1 4 ? -5.119  -3.152 4.214   1.00 22.66 ? 4   ILE A CD1 1 
ATOM   85  N N   . ILE B 1 5 ? -0.327  -1.769 3.181   1.00 4.43  ? 5   ILE A N   1 
ATOM   86  C CA  . ILE B 1 5 ? 1.056   -1.409 3.458   1.00 5.14  ? 5   ILE A CA  1 
ATOM   87  C C   . ILE B 1 5 ? 1.084   -0.932 4.899   1.00 6.12  ? 5   ILE A C   1 
ATOM   88  O O   . ILE B 1 5 ? 0.438   0.046  5.264   1.00 5.96  ? 5   ILE A O   1 
ATOM   89  C CB  . ILE B 1 5 ? 1.586   -0.273 2.536   1.00 4.86  ? 5   ILE A CB  1 
ATOM   90  C CG1 . ILE B 1 5 ? 1.587   -0.739 1.090   1.00 4.82  ? 5   ILE A CG1 1 
ATOM   91  C CG2 . ILE B 1 5 ? 3.040   0.130  2.919   1.00 4.87  ? 5   ILE A CG2 1 
ATOM   92  C CD1 . ILE B 1 5 ? 2.065   0.298  0.085   1.00 4.96  ? 5   ILE A CD1 1 
ATOM   93  N N   . LYS B 1 6 ? 1.855   -1.632 5.715   1.00 7.69  ? 6   LYS A N   1 
ATOM   94  C CA  . LYS B 1 6 ? 2.237   -1.140 7.022   1.00 10.87 ? 6   LYS A CA  1 
ATOM   95  C C   . LYS B 1 6 ? 3.646   -0.606 6.738   1.00 14.38 ? 6   LYS A C   1 
ATOM   96  O O   . LYS B 1 6 ? 4.590   -1.337 6.449   1.00 15.84 ? 6   LYS A O   1 
ATOM   97  C CB  . LYS B 1 6 ? 2.215   -2.277 8.051   1.00 11.68 ? 6   LYS A CB  1 
ATOM   98  C CG  . LYS B 1 6 ? 1.105   -3.306 7.903   1.00 12.23 ? 6   LYS A CG  1 
ATOM   99  C CD  . LYS B 1 6 ? 0.975   -4.198 9.128   1.00 13.71 ? 6   LYS A CD  1 
ATOM   100 C CE  . LYS B 1 6 ? -0.138  -5.208 8.985   1.00 15.04 ? 6   LYS A CE  1 
ATOM   101 N NZ  . LYS B 1 6 ? -0.319  -5.981 10.236  1.00 14.80 ? 6   LYS A NZ  1 
ATOM   102 O OXT . LYS B 1 6 ? 3.854   0.586  6.661   1.00 19.85 ? 6   LYS A OXT 1 
HETATM 103 C C1  A EDO C 2 . ? 6.878   1.078  9.270   0.50 14.22 ? 101 EDO B C1  1 
HETATM 104 C C1  B EDO C 2 . ? 6.956   1.573  8.561   0.25 1.73  ? 101 EDO B C1  1 
HETATM 105 C C1  C EDO C 2 . ? 6.860   1.322  9.253   0.25 4.23  ? 101 EDO B C1  1 
HETATM 106 O O1  A EDO C 2 . ? 6.403   -0.223 8.897   0.50 14.46 ? 101 EDO B O1  1 
HETATM 107 O O1  B EDO C 2 . ? 7.698   1.677  9.778   0.25 1.81  ? 101 EDO B O1  1 
HETATM 108 O O1  C EDO C 2 . ? 5.552   1.896  9.170   0.25 4.77  ? 101 EDO B O1  1 
HETATM 109 C C2  A EDO C 2 . ? 7.061   1.970  8.047   0.50 14.24 ? 101 EDO B C2  1 
HETATM 110 C C2  B EDO C 2 . ? 7.726   2.312  7.475   0.25 1.73  ? 101 EDO B C2  1 
HETATM 111 C C2  C EDO C 2 . ? 7.752   1.997  8.223   0.25 4.15  ? 101 EDO B C2  1 
HETATM 112 O O2  A EDO C 2 . ? 8.443   2.217  7.753   0.50 13.75 ? 101 EDO B O2  1 
HETATM 113 O O2  B EDO C 2 . ? 7.839   3.699  7.810   0.25 1.71  ? 101 EDO B O2  1 
HETATM 114 O O2  C EDO C 2 . ? 7.153   1.769  6.947   0.25 4.15  ? 101 EDO B O2  1 
HETATM 115 S S   . SO4 D 3 . ? 5.700   1.967  -12.679 1.00 24.09 ? 102 SO4 B S   1 
HETATM 116 O O1  . SO4 D 3 . ? 6.051   0.966  -13.698 1.00 25.59 ? 102 SO4 B O1  1 
HETATM 117 O O2  . SO4 D 3 . ? 6.904   2.691  -12.196 1.00 25.35 ? 102 SO4 B O2  1 
HETATM 118 O O3  . SO4 D 3 . ? 4.747   2.970  -13.184 1.00 27.00 ? 102 SO4 B O3  1 
HETATM 119 O O4  . SO4 D 3 . ? 5.134   1.303  -11.480 1.00 29.37 ? 102 SO4 B O4  1 
HETATM 120 S S   . SO4 E 3 . ? 2.329   -0.157 -13.634 1.00 41.04 ? 103 SO4 B S   1 
HETATM 121 O O1  . SO4 E 3 . ? 3.084   0.249  -14.838 1.00 49.89 ? 103 SO4 B O1  1 
HETATM 122 O O2  . SO4 E 3 . ? 1.464   0.949  -13.174 1.00 61.86 ? 103 SO4 B O2  1 
HETATM 123 O O3  . SO4 E 3 . ? 1.450   -1.311 -13.905 1.00 44.73 ? 103 SO4 B O3  1 
HETATM 124 O O4  . SO4 E 3 . ? 3.304   -0.447 -12.569 1.00 50.95 ? 103 SO4 B O4  1 
HETATM 125 O O   . HOH F 4 . ? 6.693   2.350  -9.515  1.00 32.66 ? 201 HOH B O   1 
HETATM 126 O O   . HOH G 4 . ? -2.089  -7.914 8.141   1.00 24.82 ? 101 HOH A O   1 
HETATM 127 O O   . HOH G 4 . ? -3.315  -5.676 8.239   1.00 23.30 ? 102 HOH A O   1 
# 
loop_
_atom_site_anisotrop.id 
_atom_site_anisotrop.type_symbol 
_atom_site_anisotrop.pdbx_label_atom_id 
_atom_site_anisotrop.pdbx_label_alt_id 
_atom_site_anisotrop.pdbx_label_comp_id 
_atom_site_anisotrop.pdbx_label_asym_id 
_atom_site_anisotrop.pdbx_label_seq_id 
_atom_site_anisotrop.pdbx_PDB_ins_code 
_atom_site_anisotrop.U[1][1] 
_atom_site_anisotrop.U[2][2] 
_atom_site_anisotrop.U[3][3] 
_atom_site_anisotrop.U[1][2] 
_atom_site_anisotrop.U[1][3] 
_atom_site_anisotrop.U[2][3] 
_atom_site_anisotrop.pdbx_auth_seq_id 
_atom_site_anisotrop.pdbx_auth_comp_id 
_atom_site_anisotrop.pdbx_auth_asym_id 
_atom_site_anisotrop.pdbx_auth_atom_id 
1   N N   . ILE A 1 ? 0.1249 0.1202 0.1318 -0.0049 -0.0010 -0.0013 1   ILE B N   
2   C CA  . ILE A 1 ? 0.0922 0.1154 0.1155 0.0053  -0.0029 -0.0030 1   ILE B CA  
3   C C   . ILE A 1 ? 0.1089 0.0998 0.0959 0.0031  -0.0037 -0.0102 1   ILE B C   
4   O O   . ILE A 1 ? 0.0971 0.0954 0.1400 -0.0047 -0.0138 -0.0088 1   ILE B O   
5   C CB  . ILE A 1 ? 0.1309 0.1338 0.1223 -0.0001 0.0087  -0.0031 1   ILE B CB  
6   C CG1 . ILE A 1 ? 0.1419 0.1499 0.1469 0.0003  -0.0024 0.0049  1   ILE B CG1 
7   C CG2 . ILE A 1 ? 0.1387 0.1332 0.1344 -0.0037 -0.0008 0.0025  1   ILE B CG2 
8   C CD1 . ILE A 1 ? 0.1827 0.1736 0.1613 0.0029  0.0021  -0.0069 1   ILE B CD1 
9   N N   . ILE A 2 ? 0.0714 0.0810 0.0690 0.0010  0.0038  0.0093  2   ILE B N   
10  C CA  . ILE A 2 ? 0.0735 0.0710 0.0725 -0.0018 0.0011  -0.0009 2   ILE B CA  
11  C C   . ILE A 2 ? 0.0691 0.0745 0.0682 -0.0030 -0.0028 -0.0028 2   ILE B C   
12  O O   . ILE A 2 ? 0.0718 0.0759 0.0925 -0.0022 -0.0014 -0.0013 2   ILE B O   
13  C CB  . ILE A 2 ? 0.0693 0.0732 0.0733 -0.0005 0.0022  -0.0038 2   ILE B CB  
14  C CG1 . ILE A 2 ? 0.0784 0.0731 0.0784 -0.0012 -0.0016 -0.0003 2   ILE B CG1 
15  C CG2 . ILE A 2 ? 0.0733 0.0718 0.0707 0.0009  0.0008  0.0006  2   ILE B CG2 
16  C CD1 . ILE A 2 ? 0.0832 0.0811 0.0826 0.0005  0.0013  0.0007  2   ILE B CD1 
17  N N   . LYS A 3 ? 0.0625 0.0607 0.0623 -0.0023 0.0010  -0.0021 3   LYS B N   
18  C CA  . LYS A 3 ? 0.0599 0.0603 0.0617 0.0007  -0.0014 -0.0003 3   LYS B CA  
19  C C   . LYS A 3 ? 0.0563 0.0541 0.0549 -0.0017 0.0026  0.0003  3   LYS B C   
20  O O   . LYS A 3 ? 0.0461 0.0592 0.0609 -0.0014 -0.0046 -0.0002 3   LYS B O   
21  C CB  . LYS A 3 ? 0.0650 0.0632 0.0635 -0.0008 0.0011  0.0000  3   LYS B CB  
22  C CG  . LYS A 3 ? 0.0683 0.0697 0.0726 0.0008  -0.0024 -0.0001 3   LYS B CG  
23  C CD  . LYS A 3 ? 0.0844 0.0889 0.0798 -0.0006 0.0047  -0.0024 3   LYS B CD  
24  C CE  . LYS A 3 ? 0.0928 0.0873 0.0928 0.0000  -0.0017 0.0024  3   LYS B CE  
25  N NZ  . LYS A 3 ? 0.0955 0.1002 0.0944 0.0008  0.0018  -0.0029 3   LYS B NZ  
26  N N   . ILE A 4 ? 0.0535 0.0516 0.0562 -0.0011 -0.0016 0.0014  4   ILE B N   
27  C CA  . ILE A 4 ? 0.0562 0.0526 0.0539 -0.0003 -0.0007 0.0000  4   ILE B CA  
28  C C   . ILE A 4 ? 0.0561 0.0541 0.0553 -0.0004 -0.0001 -0.0004 4   ILE B C   
29  O O   . ILE A 4 ? 0.0442 0.0573 0.0508 -0.0019 -0.0024 -0.0012 4   ILE B O   
30  C CB  . ILE A 4 ? 0.0553 0.0598 0.0558 0.0017  0.0008  0.0007  4   ILE B CB  
31  C CG1 . ILE A 4 ? 0.0647 0.0583 0.0627 -0.0012 -0.0036 0.0003  4   ILE B CG1 
32  C CG2 . ILE A 4 ? 0.0546 0.0547 0.0545 -0.0005 0.0011  -0.0008 4   ILE B CG2 
33  C CD1 . ILE A 4 ? 0.0751 0.0854 0.0816 0.0005  0.0048  -0.0011 4   ILE B CD1 
34  N N   . ILE A 5 ? 0.0523 0.0558 0.0534 -0.0001 0.0018  -0.0009 5   ILE B N   
35  C CA  . ILE A 5 ? 0.0638 0.0630 0.0656 -0.0015 0.0031  -0.0029 5   ILE B CA  
36  C C   . ILE A 5 ? 0.0888 0.0854 0.0847 -0.0050 -0.0053 0.0070  5   ILE B C   
37  O O   . ILE A 5 ? 0.1135 0.0960 0.0940 0.0113  -0.0080 0.0109  5   ILE B O   
38  C CB  . ILE A 5 ? 0.0611 0.0609 0.0599 0.0005  0.0008  -0.0006 5   ILE B CB  
39  C CG1 . ILE A 5 ? 0.0586 0.0587 0.0598 -0.0003 0.0000  -0.0003 5   ILE B CG1 
40  C CG2 . ILE A 5 ? 0.0633 0.0655 0.0666 -0.0016 -0.0004 -0.0007 5   ILE B CG2 
41  C CD1 . ILE A 5 ? 0.0611 0.0630 0.0612 -0.0002 0.0008  -0.0001 5   ILE B CD1 
42  N N   . LYS A 6 ? 0.1094 0.1127 0.1065 0.0059  0.0093  -0.0088 6   LYS B N   
43  C CA  . LYS A 6 ? 0.1551 0.1638 0.1429 0.0194  -0.0138 0.0124  6   LYS B CA  
44  C C   . LYS A 6 ? 0.2105 0.2216 0.2309 -0.0302 -0.0189 0.0064  6   LYS B C   
45  O O   . LYS A 6 ? 0.2912 0.2413 0.2688 -0.0624 -0.0069 -0.0024 6   LYS B O   
46  C CB  . LYS A 6 ? 0.1748 0.1624 0.1555 0.0020  -0.0032 0.0022  6   LYS B CB  
47  C CG  . LYS A 6 ? 0.1749 0.1828 0.1831 0.0000  0.0002  -0.0020 6   LYS B CG  
48  C CD  . LYS A 6 ? 0.1994 0.1920 0.1913 -0.0057 -0.0007 0.0060  6   LYS B CD  
49  C CE  . LYS A 6 ? 0.2089 0.2282 0.2366 0.0028  0.0042  -0.0105 6   LYS B CE  
50  N NZ  . LYS A 6 ? 0.2412 0.2540 0.2458 -0.0019 0.0051  0.0045  6   LYS B NZ  
51  O OXT . LYS A 6 ? 0.2542 0.2889 0.2288 -0.0117 -0.0171 -0.0077 6   LYS B OXT 
52  N N   . ILE B 1 ? 0.0923 0.0948 0.0971 0.0011  -0.0010 -0.0025 1   ILE A N   
53  C CA  . ILE B 1 ? 0.0954 0.0943 0.0934 -0.0019 0.0004  -0.0053 1   ILE A CA  
54  C C   . ILE B 1 ? 0.0701 0.0843 0.0949 -0.0009 -0.0032 -0.0011 1   ILE A C   
55  O O   . ILE B 1 ? 0.0710 0.0745 0.1000 -0.0103 -0.0112 -0.0147 1   ILE A O   
56  C CB  . ILE B 1 ? 0.1085 0.1016 0.1052 0.0020  0.0000  0.0041  1   ILE A CB  
57  C CG1 . ILE B 1 ? 0.1255 0.1394 0.1045 -0.0024 0.0033  -0.0021 1   ILE A CG1 
58  C CG2 . ILE B 1 ? 0.1095 0.1142 0.1115 -0.0022 0.0007  0.0002  1   ILE A CG2 
59  C CD1 . ILE B 1 ? 0.1518 0.1466 0.1535 0.0096  -0.0008 -0.0019 1   ILE A CD1 
60  N N   . ILE B 2 ? 0.0717 0.0692 0.0654 -0.0014 0.0039  -0.0024 2   ILE A N   
61  C CA  . ILE B 2 ? 0.0647 0.0606 0.0718 -0.0032 -0.0028 0.0016  2   ILE A CA  
62  C C   . ILE B 2 ? 0.0647 0.0620 0.0608 -0.0008 -0.0006 -0.0012 2   ILE A C   
63  O O   . ILE B 2 ? 0.0611 0.0591 0.0718 -0.0044 -0.0001 -0.0020 2   ILE A O   
64  C CB  . ILE B 2 ? 0.0675 0.0663 0.0669 -0.0008 -0.0005 0.0000  2   ILE A CB  
65  C CG1 . ILE B 2 ? 0.0667 0.0668 0.0691 -0.0004 -0.0012 -0.0017 2   ILE A CG1 
66  C CG2 . ILE B 2 ? 0.0629 0.0634 0.0638 0.0015  0.0004  0.0019  2   ILE A CG2 
67  C CD1 . ILE B 2 ? 0.0764 0.0735 0.0758 -0.0013 0.0014  0.0020  2   ILE A CD1 
68  N N   . LYS B 3 ? 0.0560 0.0537 0.0558 -0.0005 -0.0001 0.0003  3   LYS A N   
69  C CA  . LYS B 3 ? 0.0588 0.0585 0.0608 -0.0006 -0.0007 -0.0003 3   LYS A CA  
70  C C   . LYS B 3 ? 0.0598 0.0559 0.0551 -0.0030 0.0014  0.0043  3   LYS A C   
71  O O   . LYS B 3 ? 0.0554 0.0714 0.0623 0.0023  0.0020  -0.0098 3   LYS A O   
72  C CB  . LYS B 3 ? 0.0622 0.0584 0.0634 -0.0013 -0.0008 0.0017  3   LYS A CB  
73  C CG  . LYS B 3 ? 0.0690 0.0713 0.0680 0.0004  0.0004  -0.0025 3   LYS A CG  
74  C CD  . LYS B 3 ? 0.0789 0.0750 0.0798 -0.0011 -0.0014 0.0057  3   LYS A CD  
75  C CE  . LYS B 3 ? 0.0914 0.0902 0.0920 0.0001  0.0026  -0.0051 3   LYS A CE  
76  N NZ  . LYS B 3 ? 0.1054 0.1067 0.0975 0.0030  -0.0001 0.0026  3   LYS A NZ  
77  N N   . ILE B 4 ? 0.0526 0.0597 0.0616 -0.0022 0.0022  -0.0020 4   ILE A N   
78  C CA  . ILE B 4 ? 0.0612 0.0614 0.0611 -0.0006 -0.0005 -0.0007 4   ILE A CA  
79  C C   . ILE B 4 ? 0.0617 0.0598 0.0624 0.0006  0.0008  0.0002  4   ILE A C   
80  O O   . ILE B 4 ? 0.0474 0.0498 0.0643 -0.0111 -0.0074 -0.0045 4   ILE A O   
81  C CB  . ILE B 4 ? 0.0653 0.0582 0.0638 -0.0016 -0.0007 -0.0001 4   ILE A CB  
82  C CG1 . ILE B 4 ? 0.0713 0.0845 0.0638 -0.0231 -0.0130 0.0099  4   ILE A CG1 
83  C CG2 . ILE B 4 ? 0.0628 0.0632 0.0611 0.0006  0.0002  -0.0005 4   ILE A CG2 
84  C CD1 . ILE B 4 ? 0.2881 0.2026 0.3702 0.0966  0.0464  -0.0186 4   ILE A CD1 
85  N N   . ILE B 5 ? 0.0587 0.0548 0.0547 -0.0013 -0.0011 -0.0006 5   ILE A N   
86  C CA  . ILE B 5 ? 0.0644 0.0646 0.0660 0.0007  0.0006  0.0020  5   ILE A CA  
87  C C   . ILE B 5 ? 0.0753 0.0800 0.0771 -0.0032 0.0038  -0.0045 5   ILE A C   
88  O O   . ILE B 5 ? 0.0776 0.0854 0.0635 0.0074  0.0004  0.0005  5   ILE A O   
89  C CB  . ILE B 5 ? 0.0598 0.0627 0.0622 0.0002  0.0008  0.0003  5   ILE A CB  
90  C CG1 . ILE B 5 ? 0.0608 0.0607 0.0613 0.0000  -0.0007 0.0005  5   ILE A CG1 
91  C CG2 . ILE B 5 ? 0.0619 0.0610 0.0622 -0.0005 -0.0013 0.0001  5   ILE A CG2 
92  C CD1 . ILE B 5 ? 0.0637 0.0614 0.0632 -0.0010 -0.0004 0.0009  5   ILE A CD1 
93  N N   . LYS B 6 ? 0.1029 0.0922 0.0968 0.0034  -0.0025 0.0096  6   LYS A N   
94  C CA  . LYS B 6 ? 0.1540 0.1395 0.1193 0.0009  -0.0008 -0.0105 6   LYS A CA  
95  C C   . LYS B 6 ? 0.1695 0.1905 0.1861 -0.0126 -0.0136 -0.0033 6   LYS A C   
96  O O   . LYS B 6 ? 0.1575 0.2374 0.2067 0.0106  -0.0053 0.0030  6   LYS A O   
97  C CB  . LYS B 6 ? 0.1459 0.1559 0.1418 0.0041  -0.0009 0.0009  6   LYS A CB  
98  C CG  . LYS B 6 ? 0.1520 0.1548 0.1576 0.0003  0.0013  -0.0059 6   LYS A CG  
99  C CD  . LYS B 6 ? 0.1777 0.1752 0.1678 0.0047  0.0046  0.0028  6   LYS A CD  
100 C CE  . LYS B 6 ? 0.1905 0.1863 0.1944 -0.0024 -0.0022 0.0001  6   LYS A CE  
101 N NZ  . LYS B 6 ? 0.1835 0.1893 0.1893 -0.0040 0.0037  -0.0014 6   LYS A NZ  
102 O OXT . LYS B 6 ? 0.2528 0.2366 0.2646 -0.0130 0.0121  0.0024  6   LYS A OXT 
103 C C1  A EDO C . ? 0.1800 0.1796 0.1805 -0.0001 0.0006  0.0000  101 EDO B C1  
104 C C1  B EDO C . ? 0.0219 0.0219 0.0218 0.0000  0.0000  0.0000  101 EDO B C1  
105 C C1  C EDO C . ? 0.0531 0.0540 0.0537 0.0000  0.0004  0.0002  101 EDO B C1  
106 O O1  A EDO C . ? 0.1706 0.1926 0.1861 -0.0047 0.0019  -0.0136 101 EDO B O1  
107 O O1  B EDO C . ? 0.0223 0.0240 0.0222 0.0003  -0.0004 -0.0008 101 EDO B O1  
108 O O1  C EDO C . ? 0.0630 0.0620 0.0560 0.0055  -0.0022 -0.0030 101 EDO B O1  
109 C C2  A EDO C . ? 0.1796 0.1837 0.1774 0.0023  0.0021  -0.0011 101 EDO B C2  
110 C C2  B EDO C . ? 0.0219 0.0219 0.0219 0.0000  0.0000  0.0000  101 EDO B C2  
111 C C2  C EDO C . ? 0.0527 0.0527 0.0522 0.0002  -0.0005 -0.0003 101 EDO B C2  
112 O O2  A EDO C . ? 0.1793 0.1576 0.1852 -0.0081 -0.0095 0.0009  101 EDO B O2  
113 O O2  B EDO C . ? 0.0220 0.0217 0.0212 0.0002  -0.0002 0.0002  101 EDO B O2  
114 O O2  C EDO C . ? 0.0524 0.0543 0.0508 -0.0013 0.0010  -0.0011 101 EDO B O2  
115 S S   . SO4 D . ? 0.2956 0.3137 0.3060 -0.0084 0.0005  -0.0039 102 SO4 B S   
116 O O1  . SO4 D . ? 0.3029 0.3128 0.3564 -0.0374 0.0152  -0.0162 102 SO4 B O1  
117 O O2  . SO4 D . ? 0.2641 0.3520 0.3468 0.0077  0.0040  -0.0119 102 SO4 B O2  
118 O O3  . SO4 D . ? 0.3013 0.3442 0.3802 -0.0171 0.0045  0.0264  102 SO4 B O3  
119 O O4  . SO4 D . ? 0.4232 0.3381 0.3543 -0.0494 0.0190  0.0035  102 SO4 B O4  
120 S S   . SO4 E . ? 0.5920 0.4925 0.4747 -0.0284 -0.0390 0.0454  103 SO4 B S   
121 O O1  . SO4 E . ? 0.6147 0.6257 0.6549 0.0189  0.1312  -0.0667 103 SO4 B O1  
122 O O2  . SO4 E . ? 0.7636 0.7725 0.8143 0.1357  -0.0180 -0.0316 103 SO4 B O2  
123 O O3  . SO4 E . ? 0.5902 0.5465 0.5627 0.0155  -0.0072 -0.0078 103 SO4 B O3  
124 O O4  . SO4 E . ? 0.5964 0.6776 0.6616 0.0045  -0.0250 -0.0293 103 SO4 B O4  
125 O O   . HOH F . ? 0.4886 0.4012 0.3510 0.0317  0.0353  -0.0061 201 HOH B O   
126 O O   . HOH G . ? 0.3299 0.3325 0.2805 -0.0670 -0.0175 -0.0196 101 HOH A O   
127 O O   . HOH G . ? 0.3015 0.2496 0.3338 -0.0364 -0.0609 0.0510  102 HOH A O   
# 
